data_1A0Q
#
_entry.id   1A0Q
#
_cell.length_a   36.780
_cell.length_b   82.610
_cell.length_c   132.340
_cell.angle_alpha   90.00
_cell.angle_beta   90.00
_cell.angle_gamma   90.00
#
_symmetry.space_group_name_H-M   'P 21 21 21'
#
loop_
_entity.id
_entity.type
_entity.pdbx_description
1 polymer '29G11 FAB (LIGHT CHAIN)'
2 polymer '29G11 FAB (HEAVY CHAIN)'
3 non-polymer 'ZINC ION'
4 non-polymer PHENYL[1-(N-SUCCINYLAMINO)PENTYL]PHOSPHONATE
5 water water
#
loop_
_entity_poly.entity_id
_entity_poly.type
_entity_poly.pdbx_seq_one_letter_code
_entity_poly.pdbx_strand_id
1 'polypeptide(L)'
;DIELTQSPSSLSASLGGKVTITCKASQDIKKYIGWYQHKPGKQPRLLIHYTSTLLPGIPSRFRGSGSGRDYSFSISNLEP
EDIATYYCLQYYNLRTFGGGTKLEIKRADAAPTVSIFPPSSEQLTSGGASVVCFLNNFYSKDINVKWKIDGSERQNGVLN
SWTDQDSKDSTYSMSSTLTLTKDEYERHNSYTCEATHKTSTSPIVKSFNRNE
;
L
2 'polypeptide(L)'
;EVQLQESDAELVKPGASVKISCKASGYTFTDHVIHWVKQKPEQGLEWIGYISPGNGDIKYNEKFKGKATLTADKSSSTAY
MQLNSLTSEDSAVYLCKRGYYGRSNVDYWGQGTTLTVSSAKTTPPSVYPLAPGSAAQTNSMVTLGCLVKGYFPEPVTVTW
NSGSLSSGVHTFPAVLQSDLYTLSSSVTVPSSTWPSETVTCNVAHPASSTKVDKKIE
;
H
#
loop_
_chem_comp.id
_chem_comp.type
_chem_comp.name
_chem_comp.formula
HEP non-polymer PHENYL[1-(N-SUCCINYLAMINO)PENTYL]PHOSPHONATE 'C15 H22 N O6 P'
ZN non-polymer 'ZINC ION' 'Zn 2'
#
# COMPACT_ATOMS: atom_id res chain seq x y z
N ILE A 2 7.60 16.80 -21.86
CA ILE A 2 8.42 15.59 -21.87
C ILE A 2 7.76 14.36 -21.22
N GLU A 3 7.63 13.34 -22.09
CA GLU A 3 7.15 12.02 -21.71
C GLU A 3 8.30 11.06 -21.43
N LEU A 4 8.15 10.15 -20.46
CA LEU A 4 9.15 9.11 -20.21
C LEU A 4 8.49 7.75 -20.24
N THR A 5 8.95 6.84 -21.12
CA THR A 5 8.36 5.51 -21.28
C THR A 5 9.14 4.40 -20.58
N GLN A 6 8.60 3.86 -19.47
CA GLN A 6 9.29 2.79 -18.73
C GLN A 6 8.80 1.37 -19.03
N SER A 7 9.77 0.45 -19.11
CA SER A 7 9.57 -0.97 -19.37
C SER A 7 10.57 -1.81 -18.57
N PRO A 8 10.24 -3.00 -18.03
CA PRO A 8 8.89 -3.53 -17.95
C PRO A 8 8.05 -2.85 -16.87
N SER A 9 6.75 -3.04 -17.00
CA SER A 9 5.78 -2.60 -16.02
C SER A 9 5.90 -3.32 -14.68
N SER A 10 6.31 -4.59 -14.74
CA SER A 10 6.49 -5.46 -13.60
C SER A 10 7.42 -6.59 -14.00
N LEU A 11 8.14 -7.12 -13.02
CA LEU A 11 9.15 -8.13 -13.25
C LEU A 11 9.31 -9.07 -12.07
N SER A 12 9.76 -10.29 -12.36
CA SER A 12 10.04 -11.31 -11.37
C SER A 12 11.43 -11.87 -11.70
N ALA A 13 12.37 -11.69 -10.78
CA ALA A 13 13.74 -12.12 -11.01
C ALA A 13 14.28 -12.97 -9.88
N SER A 14 15.17 -13.90 -10.20
CA SER A 14 15.79 -14.78 -9.21
C SER A 14 16.56 -14.08 -8.11
N LEU A 15 16.76 -14.83 -7.03
CA LEU A 15 17.58 -14.38 -5.92
C LEU A 15 19.03 -14.51 -6.41
N GLY A 16 19.83 -13.43 -6.29
CA GLY A 16 21.22 -13.46 -6.74
C GLY A 16 21.37 -13.23 -8.25
N GLY A 17 20.25 -12.86 -8.90
CA GLY A 17 20.23 -12.65 -10.34
C GLY A 17 20.20 -11.17 -10.72
N LYS A 18 19.92 -10.92 -11.99
CA LYS A 18 19.91 -9.57 -12.52
C LYS A 18 18.56 -9.13 -13.10
N VAL A 19 18.46 -7.80 -13.23
CA VAL A 19 17.28 -7.10 -13.72
C VAL A 19 17.69 -5.83 -14.46
N THR A 20 17.06 -5.55 -15.60
CA THR A 20 17.30 -4.32 -16.32
C THR A 20 15.97 -3.66 -16.67
N ILE A 21 15.88 -2.40 -16.24
CA ILE A 21 14.73 -1.54 -16.48
C ILE A 21 15.17 -0.45 -17.45
N THR A 22 14.31 -0.18 -18.44
CA THR A 22 14.56 0.86 -19.41
C THR A 22 13.58 2.03 -19.32
N CYS A 23 14.11 3.21 -19.61
CA CYS A 23 13.31 4.42 -19.80
C CYS A 23 13.73 5.09 -21.10
N LYS A 24 12.72 5.56 -21.81
CA LYS A 24 12.87 6.22 -23.09
C LYS A 24 12.17 7.57 -23.05
N ALA A 25 13.01 8.61 -23.01
CA ALA A 25 12.54 9.99 -23.05
C ALA A 25 12.02 10.36 -24.43
N SER A 26 11.08 11.30 -24.48
CA SER A 26 10.52 11.79 -25.74
C SER A 26 11.45 12.73 -26.51
N GLN A 27 12.38 13.38 -25.81
CA GLN A 27 13.36 14.33 -26.36
C GLN A 27 14.74 14.04 -25.76
N ASP A 28 15.87 14.61 -26.24
CA ASP A 28 17.16 14.41 -25.57
C ASP A 28 17.02 15.10 -24.22
N ILE A 29 17.31 14.34 -23.17
CA ILE A 29 17.26 14.89 -21.82
C ILE A 29 18.65 15.05 -21.23
N LYS A 30 19.69 14.88 -22.07
CA LYS A 30 21.10 15.16 -21.76
C LYS A 30 21.67 14.59 -20.49
N LYS A 31 21.34 13.31 -20.26
CA LYS A 31 21.73 12.52 -19.08
C LYS A 31 21.15 12.96 -17.74
N TYR A 32 20.20 13.90 -17.75
CA TYR A 32 19.55 14.34 -16.52
C TYR A 32 18.37 13.45 -16.15
N ILE A 33 18.76 12.24 -15.74
CA ILE A 33 17.82 11.24 -15.28
C ILE A 33 18.24 10.60 -13.95
N GLY A 34 17.22 10.28 -13.17
CA GLY A 34 17.35 9.68 -11.86
C GLY A 34 16.50 8.42 -11.71
N TRP A 35 16.88 7.58 -10.75
CA TRP A 35 16.21 6.32 -10.47
C TRP A 35 15.96 6.20 -8.99
N TYR A 36 14.68 5.94 -8.70
CA TYR A 36 14.14 5.82 -7.36
C TYR A 36 13.62 4.43 -7.02
N GLN A 37 13.73 4.10 -5.73
CA GLN A 37 13.24 2.87 -5.16
C GLN A 37 12.09 3.21 -4.23
N HIS A 38 10.90 2.71 -4.53
CA HIS A 38 9.75 2.99 -3.68
C HIS A 38 9.25 1.73 -3.00
N LYS A 39 9.56 1.61 -1.70
CA LYS A 39 9.06 0.50 -0.91
C LYS A 39 7.75 0.91 -0.29
N PRO A 40 6.75 0.02 -0.23
CA PRO A 40 5.46 0.26 0.41
C PRO A 40 5.47 0.91 1.79
N GLY A 41 4.72 2.02 1.85
CA GLY A 41 4.60 2.83 3.05
C GLY A 41 5.94 3.40 3.54
N LYS A 42 6.89 3.67 2.63
CA LYS A 42 8.17 4.21 2.99
C LYS A 42 8.66 5.29 2.03
N GLN A 43 9.97 5.53 2.08
CA GLN A 43 10.73 6.47 1.29
C GLN A 43 10.68 6.05 -0.19
N PRO A 44 10.29 6.92 -1.13
CA PRO A 44 10.92 6.97 -2.44
C PRO A 44 12.33 7.40 -2.11
N ARG A 45 13.22 6.50 -2.47
CA ARG A 45 14.62 6.62 -2.13
C ARG A 45 15.45 6.74 -3.38
N LEU A 46 16.21 7.84 -3.53
CA LEU A 46 17.05 8.00 -4.70
C LEU A 46 18.28 7.13 -4.58
N LEU A 47 18.47 6.47 -5.71
CA LEU A 47 19.55 5.51 -5.89
C LEU A 47 20.61 6.01 -6.83
N ILE A 48 20.16 6.50 -7.99
CA ILE A 48 21.05 6.96 -9.04
C ILE A 48 20.60 8.29 -9.62
N HIS A 49 21.52 9.27 -9.72
CA HIS A 49 21.24 10.51 -10.42
C HIS A 49 22.30 10.77 -11.50
N TYR A 50 21.97 11.66 -12.44
CA TYR A 50 22.76 11.99 -13.64
C TYR A 50 23.24 10.74 -14.37
N THR A 51 22.23 9.93 -14.67
CA THR A 51 22.35 8.63 -15.33
C THR A 51 23.12 7.56 -14.57
N SER A 52 24.39 7.77 -14.20
CA SER A 52 25.26 6.76 -13.64
C SER A 52 25.74 6.98 -12.23
N THR A 53 25.58 8.20 -11.73
CA THR A 53 26.13 8.48 -10.42
C THR A 53 25.20 7.96 -9.36
N LEU A 54 25.84 7.04 -8.68
CA LEU A 54 25.22 6.30 -7.61
C LEU A 54 25.17 7.20 -6.40
N LEU A 55 24.07 7.15 -5.67
CA LEU A 55 24.00 7.96 -4.47
C LEU A 55 24.73 7.22 -3.35
N PRO A 56 25.12 7.81 -2.21
CA PRO A 56 26.09 7.25 -1.25
C PRO A 56 25.59 6.02 -0.50
N GLY A 57 26.45 5.01 -0.33
CA GLY A 57 26.08 3.79 0.39
C GLY A 57 25.37 2.75 -0.46
N ILE A 58 24.83 3.18 -1.62
CA ILE A 58 24.13 2.32 -2.55
C ILE A 58 25.17 1.38 -3.14
N PRO A 59 24.98 0.06 -3.05
CA PRO A 59 25.91 -0.94 -3.57
C PRO A 59 26.30 -0.85 -5.04
N SER A 60 27.51 -1.34 -5.27
CA SER A 60 28.14 -1.43 -6.58
C SER A 60 27.24 -2.13 -7.62
N ARG A 61 26.49 -3.14 -7.16
CA ARG A 61 25.55 -3.90 -7.99
C ARG A 61 24.38 -3.12 -8.58
N PHE A 62 24.12 -1.87 -8.16
CA PHE A 62 23.15 -1.02 -8.81
C PHE A 62 23.93 -0.16 -9.81
N ARG A 63 23.48 -0.07 -11.05
CA ARG A 63 24.17 0.65 -12.11
C ARG A 63 23.16 1.42 -12.94
N GLY A 64 23.59 2.45 -13.66
CA GLY A 64 22.74 3.21 -14.57
C GLY A 64 23.51 3.53 -15.84
N SER A 65 22.87 3.54 -17.02
CA SER A 65 23.49 3.85 -18.30
C SER A 65 22.60 4.70 -19.19
N GLY A 66 23.16 5.23 -20.29
CA GLY A 66 22.38 6.01 -21.24
C GLY A 66 22.92 7.40 -21.57
N SER A 67 22.27 7.95 -22.59
CA SER A 67 22.53 9.27 -23.14
C SER A 67 21.39 9.57 -24.11
N GLY A 68 21.25 10.80 -24.60
CA GLY A 68 20.22 11.10 -25.59
C GLY A 68 18.84 10.92 -24.97
N ARG A 69 18.13 9.96 -25.55
CA ARG A 69 16.79 9.59 -25.10
C ARG A 69 16.74 8.22 -24.43
N ASP A 70 17.78 7.38 -24.56
CA ASP A 70 17.73 6.00 -24.10
C ASP A 70 18.56 5.64 -22.88
N TYR A 71 17.82 5.24 -21.84
CA TYR A 71 18.39 4.95 -20.52
C TYR A 71 18.04 3.58 -19.93
N SER A 72 19.00 3.06 -19.15
CA SER A 72 18.87 1.79 -18.50
C SER A 72 19.37 1.87 -17.06
N PHE A 73 18.88 0.91 -16.29
CA PHE A 73 19.23 0.75 -14.89
C PHE A 73 19.27 -0.75 -14.64
N SER A 74 20.23 -1.14 -13.83
CA SER A 74 20.43 -2.54 -13.53
C SER A 74 20.73 -2.72 -12.06
N ILE A 75 20.34 -3.93 -11.65
CA ILE A 75 20.62 -4.43 -10.31
C ILE A 75 20.99 -5.89 -10.56
N SER A 76 22.16 -6.27 -10.09
CA SER A 76 22.60 -7.65 -10.17
C SER A 76 22.76 -8.14 -8.74
N ASN A 77 22.81 -9.46 -8.51
CA ASN A 77 22.91 -10.04 -7.18
C ASN A 77 21.81 -9.56 -6.25
N LEU A 78 20.59 -9.85 -6.70
CA LEU A 78 19.37 -9.54 -5.96
C LEU A 78 19.28 -10.17 -4.58
N GLU A 79 18.86 -9.29 -3.69
CA GLU A 79 18.68 -9.57 -2.27
C GLU A 79 17.18 -9.35 -2.01
N PRO A 80 16.49 -10.05 -1.09
CA PRO A 80 15.09 -9.81 -0.74
C PRO A 80 14.74 -8.35 -0.46
N GLU A 81 15.64 -7.63 0.22
CA GLU A 81 15.50 -6.19 0.53
C GLU A 81 15.19 -5.29 -0.67
N ASP A 82 15.55 -5.71 -1.89
CA ASP A 82 15.33 -4.96 -3.12
C ASP A 82 13.92 -5.09 -3.71
N ILE A 83 12.96 -5.67 -2.97
CA ILE A 83 11.56 -5.72 -3.38
C ILE A 83 11.00 -4.31 -3.19
N ALA A 84 10.61 -3.71 -4.33
CA ALA A 84 10.12 -2.34 -4.41
C ALA A 84 9.55 -2.01 -5.79
N THR A 85 8.90 -0.86 -6.00
CA THR A 85 8.52 -0.43 -7.35
C THR A 85 9.56 0.64 -7.67
N TYR A 86 10.17 0.53 -8.84
CA TYR A 86 11.24 1.43 -9.25
C TYR A 86 10.81 2.40 -10.32
N TYR A 87 11.25 3.65 -10.17
CA TYR A 87 10.91 4.69 -11.12
C TYR A 87 12.10 5.43 -11.71
N CYS A 88 12.02 5.81 -12.98
CA CYS A 88 12.99 6.73 -13.53
C CYS A 88 12.35 8.10 -13.39
N LEU A 89 13.18 9.14 -13.51
CA LEU A 89 12.73 10.51 -13.39
C LEU A 89 13.64 11.43 -14.17
N GLN A 90 13.13 12.10 -15.20
CA GLN A 90 13.94 13.07 -15.89
C GLN A 90 13.72 14.39 -15.19
N TYR A 91 14.81 15.12 -14.97
CA TYR A 91 14.70 16.45 -14.38
C TYR A 91 15.42 17.46 -15.26
N TYR A 92 15.41 17.18 -16.58
CA TYR A 92 16.04 18.05 -17.58
C TYR A 92 15.21 19.30 -17.81
N ASN A 93 13.90 19.13 -17.97
CA ASN A 93 12.99 20.25 -18.11
C ASN A 93 11.76 19.81 -17.34
N LEU A 94 11.60 20.49 -16.20
CA LEU A 94 10.61 20.19 -15.17
C LEU A 94 10.84 18.75 -14.66
N ARG A 95 9.81 17.99 -14.24
CA ARG A 95 9.97 16.59 -13.83
C ARG A 95 8.92 15.66 -14.41
N THR A 96 9.35 14.45 -14.74
CA THR A 96 8.45 13.44 -15.26
C THR A 96 8.90 12.07 -14.77
N PHE A 97 8.00 11.33 -14.12
CA PHE A 97 8.31 9.95 -13.72
C PHE A 97 7.99 8.98 -14.84
N GLY A 98 8.61 7.81 -14.76
CA GLY A 98 8.25 6.71 -15.63
C GLY A 98 7.01 6.04 -15.02
N GLY A 99 6.45 5.04 -15.72
CA GLY A 99 5.28 4.34 -15.21
C GLY A 99 5.57 3.37 -14.06
N GLY A 100 6.83 3.09 -13.75
CA GLY A 100 7.19 2.18 -12.68
C GLY A 100 7.36 0.74 -13.11
N THR A 101 8.23 0.05 -12.35
CA THR A 101 8.47 -1.37 -12.50
C THR A 101 8.33 -1.98 -11.13
N LYS A 102 7.25 -2.73 -10.92
CA LYS A 102 7.02 -3.41 -9.66
C LYS A 102 7.83 -4.69 -9.70
N LEU A 103 8.83 -4.78 -8.82
CA LEU A 103 9.73 -5.93 -8.78
C LEU A 103 9.45 -6.92 -7.66
N GLU A 104 9.48 -8.17 -8.11
CA GLU A 104 9.37 -9.35 -7.25
C GLU A 104 10.69 -10.10 -7.34
N ILE A 105 11.12 -10.70 -6.23
CA ILE A 105 12.29 -11.56 -6.23
C ILE A 105 11.88 -12.96 -5.79
N LYS A 106 12.17 -13.88 -6.71
CA LYS A 106 11.91 -15.30 -6.55
C LYS A 106 12.56 -15.89 -5.33
N ARG A 107 11.95 -17.04 -5.04
CA ARG A 107 12.26 -17.79 -3.86
C ARG A 107 11.84 -19.26 -4.02
N ALA A 108 12.38 -20.02 -3.07
CA ALA A 108 12.04 -21.40 -2.92
C ALA A 108 10.56 -21.44 -2.53
N ASP A 109 9.83 -22.29 -3.25
CA ASP A 109 8.42 -22.51 -2.99
C ASP A 109 8.11 -22.80 -1.54
N ALA A 110 7.08 -22.10 -1.06
CA ALA A 110 6.73 -22.24 0.33
C ALA A 110 5.24 -22.47 0.48
N ALA A 111 4.90 -23.52 1.22
CA ALA A 111 3.51 -23.83 1.45
C ALA A 111 2.94 -22.87 2.50
N PRO A 112 1.69 -22.42 2.30
CA PRO A 112 0.98 -21.52 3.21
C PRO A 112 0.54 -22.14 4.51
N THR A 113 0.40 -21.26 5.51
CA THR A 113 -0.14 -21.65 6.79
C THR A 113 -1.55 -21.07 6.75
N VAL A 114 -2.52 -21.98 6.77
CA VAL A 114 -3.93 -21.64 6.66
C VAL A 114 -4.56 -21.53 8.05
N SER A 115 -5.50 -20.59 8.23
CA SER A 115 -6.19 -20.40 9.49
C SER A 115 -7.59 -19.92 9.27
N ILE A 116 -8.56 -20.76 9.66
CA ILE A 116 -9.97 -20.41 9.54
C ILE A 116 -10.43 -19.84 10.88
N PHE A 117 -11.32 -18.85 10.76
CA PHE A 117 -11.86 -18.14 11.90
C PHE A 117 -13.36 -18.00 11.74
N PRO A 118 -14.15 -18.36 12.76
CA PRO A 118 -15.59 -18.15 12.83
C PRO A 118 -15.97 -16.68 12.80
N PRO A 119 -17.22 -16.33 12.50
CA PRO A 119 -17.78 -15.04 12.86
C PRO A 119 -17.76 -14.80 14.37
N SER A 120 -17.50 -13.53 14.65
CA SER A 120 -17.43 -13.05 16.01
C SER A 120 -18.84 -12.87 16.52
N SER A 121 -19.03 -12.95 17.84
CA SER A 121 -20.37 -12.80 18.38
C SER A 121 -20.83 -11.35 18.28
N GLU A 122 -19.89 -10.43 18.06
CA GLU A 122 -20.20 -9.01 17.86
C GLU A 122 -20.76 -8.88 16.46
N GLN A 123 -20.15 -9.54 15.45
CA GLN A 123 -20.71 -9.49 14.11
C GLN A 123 -22.11 -10.08 14.05
N LEU A 124 -22.38 -11.18 14.76
CA LEU A 124 -23.73 -11.75 14.78
C LEU A 124 -24.81 -10.88 15.46
N THR A 125 -24.44 -9.71 16.01
CA THR A 125 -25.39 -8.70 16.51
C THR A 125 -26.10 -8.07 15.30
N SER A 126 -25.36 -8.08 14.17
CA SER A 126 -25.84 -7.61 12.89
C SER A 126 -26.46 -8.77 12.12
N GLY A 127 -27.00 -8.47 10.95
CA GLY A 127 -27.56 -9.50 10.10
C GLY A 127 -26.53 -10.11 9.17
N GLY A 128 -25.24 -10.03 9.50
CA GLY A 128 -24.19 -10.57 8.67
C GLY A 128 -23.22 -11.44 9.47
N ALA A 129 -22.56 -12.35 8.76
CA ALA A 129 -21.63 -13.27 9.40
C ALA A 129 -20.57 -13.72 8.42
N SER A 130 -19.35 -13.26 8.74
CA SER A 130 -18.20 -13.49 7.90
C SER A 130 -17.27 -14.49 8.53
N VAL A 131 -16.81 -15.37 7.64
CA VAL A 131 -15.86 -16.44 7.93
C VAL A 131 -14.55 -16.00 7.29
N VAL A 132 -13.45 -15.88 8.04
CA VAL A 132 -12.19 -15.40 7.48
C VAL A 132 -11.15 -16.50 7.43
N CYS A 133 -10.31 -16.42 6.41
CA CYS A 133 -9.24 -17.38 6.26
C CYS A 133 -7.94 -16.77 5.77
N PHE A 134 -6.92 -16.88 6.63
CA PHE A 134 -5.58 -16.41 6.31
C PHE A 134 -4.70 -17.54 5.80
N LEU A 135 -4.04 -17.30 4.67
CA LEU A 135 -3.09 -18.24 4.09
C LEU A 135 -1.78 -17.48 4.04
N ASN A 136 -1.07 -17.60 5.17
CA ASN A 136 0.19 -16.92 5.45
C ASN A 136 1.52 -17.52 5.06
N ASN A 137 2.38 -16.58 4.63
CA ASN A 137 3.75 -16.79 4.19
C ASN A 137 4.03 -17.99 3.28
N PHE A 138 3.61 -17.78 2.02
CA PHE A 138 3.72 -18.73 0.91
C PHE A 138 4.42 -18.18 -0.34
N TYR A 139 5.12 -19.00 -1.11
CA TYR A 139 5.63 -18.51 -2.37
C TYR A 139 5.28 -19.43 -3.52
N SER A 140 4.91 -18.52 -4.42
CA SER A 140 4.31 -18.62 -5.73
C SER A 140 3.03 -17.94 -5.26
N LYS A 141 2.88 -16.70 -5.74
CA LYS A 141 1.74 -15.85 -5.42
C LYS A 141 0.39 -16.50 -5.75
N ASP A 142 0.38 -17.24 -6.85
CA ASP A 142 -0.76 -18.02 -7.31
C ASP A 142 -1.29 -19.02 -6.29
N ILE A 143 -2.60 -18.93 -6.11
CA ILE A 143 -3.32 -19.68 -5.09
C ILE A 143 -4.84 -19.60 -5.28
N ASN A 144 -5.50 -20.76 -5.10
CA ASN A 144 -6.96 -20.84 -5.17
C ASN A 144 -7.42 -21.03 -3.75
N VAL A 145 -8.44 -20.27 -3.37
CA VAL A 145 -9.07 -20.43 -2.07
C VAL A 145 -10.48 -20.89 -2.39
N LYS A 146 -10.72 -22.18 -2.18
CA LYS A 146 -12.05 -22.72 -2.39
C LYS A 146 -12.82 -22.71 -1.08
N TRP A 147 -14.00 -22.07 -1.05
CA TRP A 147 -14.82 -22.15 0.14
C TRP A 147 -15.82 -23.30 -0.04
N LYS A 148 -16.08 -23.99 1.08
CA LYS A 148 -17.02 -25.10 1.08
C LYS A 148 -17.93 -24.95 2.29
N ILE A 149 -19.23 -24.95 2.03
CA ILE A 149 -20.20 -24.91 3.10
C ILE A 149 -21.03 -26.18 2.97
N ASP A 150 -20.84 -27.02 3.99
CA ASP A 150 -21.37 -28.37 4.08
C ASP A 150 -20.98 -29.21 2.87
N GLY A 151 -19.66 -29.18 2.62
CA GLY A 151 -19.04 -29.90 1.53
C GLY A 151 -19.33 -29.36 0.13
N SER A 152 -20.03 -28.24 0.02
CA SER A 152 -20.46 -27.69 -1.26
C SER A 152 -19.70 -26.39 -1.58
N GLU A 153 -19.14 -26.20 -2.80
CA GLU A 153 -18.39 -24.97 -3.14
C GLU A 153 -19.21 -23.68 -3.20
N ARG A 154 -18.73 -22.65 -2.49
CA ARG A 154 -19.37 -21.35 -2.46
C ARG A 154 -18.45 -20.32 -3.11
N GLN A 155 -18.96 -19.83 -4.24
CA GLN A 155 -18.23 -18.89 -5.07
C GLN A 155 -18.59 -17.42 -4.87
N ASN A 156 -19.86 -17.07 -4.66
CA ASN A 156 -20.24 -15.68 -4.51
C ASN A 156 -20.15 -15.19 -3.07
N GLY A 157 -19.90 -13.89 -2.89
CA GLY A 157 -19.77 -13.30 -1.56
C GLY A 157 -18.37 -13.39 -0.94
N VAL A 158 -17.32 -13.63 -1.75
CA VAL A 158 -15.93 -13.73 -1.29
C VAL A 158 -15.07 -12.47 -1.57
N LEU A 159 -14.16 -12.14 -0.64
CA LEU A 159 -13.26 -11.00 -0.73
C LEU A 159 -11.80 -11.45 -0.51
N ASN A 160 -11.01 -11.41 -1.58
CA ASN A 160 -9.59 -11.75 -1.52
C ASN A 160 -8.68 -10.55 -1.67
N SER A 161 -7.51 -10.67 -1.05
CA SER A 161 -6.52 -9.61 -0.99
C SER A 161 -5.21 -10.22 -0.59
N TRP A 162 -4.19 -9.97 -1.39
CA TRP A 162 -2.86 -10.45 -1.06
C TRP A 162 -2.09 -9.28 -0.49
N THR A 163 -1.10 -9.57 0.34
CA THR A 163 -0.20 -8.53 0.80
C THR A 163 0.83 -8.30 -0.32
N ASP A 164 1.63 -7.24 -0.19
CA ASP A 164 2.77 -7.07 -1.09
C ASP A 164 3.82 -8.07 -0.60
N GLN A 165 4.77 -8.47 -1.45
CA GLN A 165 5.79 -9.44 -1.10
C GLN A 165 6.62 -9.02 0.10
N ASP A 166 6.85 -9.99 1.01
CA ASP A 166 7.59 -9.74 2.22
C ASP A 166 9.03 -9.46 1.80
N SER A 167 9.39 -8.24 2.22
CA SER A 167 10.69 -7.63 2.02
C SER A 167 11.86 -8.38 2.66
N LYS A 168 11.56 -9.17 3.70
CA LYS A 168 12.55 -9.90 4.47
C LYS A 168 12.66 -11.36 4.03
N ASP A 169 11.53 -12.07 3.82
CA ASP A 169 11.57 -13.47 3.45
C ASP A 169 10.95 -13.89 2.12
N SER A 170 10.69 -12.94 1.21
CA SER A 170 10.09 -13.15 -0.11
C SER A 170 8.73 -13.86 -0.23
N THR A 171 7.97 -14.10 0.84
CA THR A 171 6.67 -14.75 0.71
C THR A 171 5.52 -13.75 0.61
N TYR A 172 4.38 -14.26 0.19
CA TYR A 172 3.13 -13.51 0.19
C TYR A 172 2.27 -14.01 1.32
N SER A 173 1.25 -13.22 1.64
CA SER A 173 0.20 -13.65 2.55
C SER A 173 -1.09 -13.32 1.82
N MET A 174 -2.20 -13.92 2.22
CA MET A 174 -3.45 -13.78 1.49
C MET A 174 -4.62 -13.95 2.43
N SER A 175 -5.66 -13.13 2.27
CA SER A 175 -6.84 -13.18 3.11
C SER A 175 -8.10 -13.18 2.28
N SER A 176 -8.90 -14.20 2.59
CA SER A 176 -10.17 -14.48 1.92
C SER A 176 -11.30 -14.43 2.93
N THR A 177 -12.31 -13.60 2.67
CA THR A 177 -13.41 -13.44 3.59
C THR A 177 -14.72 -13.78 2.88
N LEU A 178 -15.43 -14.78 3.43
CA LEU A 178 -16.74 -15.15 2.94
C LEU A 178 -17.81 -14.54 3.83
N THR A 179 -18.70 -13.70 3.31
CA THR A 179 -19.77 -13.12 4.14
C THR A 179 -21.12 -13.65 3.69
N LEU A 180 -21.92 -13.96 4.71
CA LEU A 180 -23.24 -14.54 4.59
C LEU A 180 -24.20 -13.75 5.47
N THR A 181 -25.53 -13.95 5.39
CA THR A 181 -26.44 -13.37 6.40
C THR A 181 -26.28 -14.19 7.68
N LYS A 182 -26.64 -13.63 8.84
CA LYS A 182 -26.60 -14.38 10.09
C LYS A 182 -27.48 -15.64 10.00
N ASP A 183 -28.65 -15.53 9.38
CA ASP A 183 -29.55 -16.66 9.22
C ASP A 183 -29.03 -17.68 8.22
N GLU A 184 -28.49 -17.33 7.05
CA GLU A 184 -27.86 -18.32 6.15
C GLU A 184 -26.66 -19.04 6.75
N TYR A 185 -25.92 -18.34 7.59
CA TYR A 185 -24.81 -18.92 8.34
C TYR A 185 -25.31 -19.98 9.32
N GLU A 186 -26.46 -19.72 9.95
CA GLU A 186 -27.03 -20.64 10.91
C GLU A 186 -27.77 -21.82 10.30
N ARG A 187 -28.06 -21.78 9.01
CA ARG A 187 -28.65 -22.92 8.34
C ARG A 187 -27.60 -24.01 8.07
N HIS A 188 -26.32 -23.70 8.28
CA HIS A 188 -25.23 -24.66 8.02
C HIS A 188 -24.30 -24.92 9.18
N ASN A 189 -23.46 -25.95 9.00
CA ASN A 189 -22.55 -26.46 10.02
C ASN A 189 -21.06 -26.37 9.71
N SER A 190 -20.72 -26.99 8.59
CA SER A 190 -19.36 -27.19 8.16
C SER A 190 -18.82 -26.03 7.30
N TYR A 191 -17.70 -25.42 7.68
CA TYR A 191 -17.12 -24.33 6.91
C TYR A 191 -15.66 -24.61 6.65
N THR A 192 -15.33 -24.65 5.36
CA THR A 192 -14.02 -25.07 4.89
C THR A 192 -13.35 -24.04 4.00
N CYS A 193 -12.07 -23.86 4.32
CA CYS A 193 -11.17 -23.00 3.58
C CYS A 193 -10.07 -23.89 3.03
N GLU A 194 -10.22 -24.13 1.74
CA GLU A 194 -9.35 -24.99 0.95
C GLU A 194 -8.29 -24.21 0.19
N ALA A 195 -7.06 -24.73 0.08
CA ALA A 195 -5.98 -23.98 -0.55
C ALA A 195 -5.19 -24.77 -1.56
N THR A 196 -5.30 -24.31 -2.82
CA THR A 196 -4.63 -24.95 -3.96
C THR A 196 -3.37 -24.15 -4.30
N HIS A 197 -2.21 -24.77 -4.05
CA HIS A 197 -0.91 -24.15 -4.25
C HIS A 197 0.03 -25.18 -4.88
N LYS A 198 1.12 -24.73 -5.50
CA LYS A 198 2.03 -25.60 -6.25
C LYS A 198 2.81 -26.60 -5.40
N THR A 199 3.04 -26.24 -4.13
CA THR A 199 3.78 -27.07 -3.18
C THR A 199 3.10 -28.35 -2.69
N SER A 200 1.80 -28.50 -2.90
CA SER A 200 1.10 -29.73 -2.53
C SER A 200 0.25 -30.21 -3.70
N THR A 201 0.12 -31.54 -3.84
CA THR A 201 -0.73 -32.12 -4.87
C THR A 201 -2.16 -32.36 -4.38
N SER A 202 -2.43 -32.02 -3.12
CA SER A 202 -3.75 -32.13 -2.52
C SER A 202 -3.93 -30.96 -1.55
N PRO A 203 -5.07 -30.23 -1.59
CA PRO A 203 -5.30 -28.98 -0.86
C PRO A 203 -4.99 -28.96 0.63
N ILE A 204 -4.47 -27.82 1.12
CA ILE A 204 -4.22 -27.64 2.54
C ILE A 204 -5.54 -27.03 3.03
N VAL A 205 -6.31 -27.86 3.74
CA VAL A 205 -7.67 -27.54 4.15
C VAL A 205 -7.85 -27.22 5.63
N LYS A 206 -8.66 -26.20 5.96
CA LYS A 206 -8.96 -25.86 7.36
C LYS A 206 -10.44 -25.63 7.52
N SER A 207 -11.00 -26.26 8.56
CA SER A 207 -12.44 -26.26 8.82
C SER A 207 -12.84 -25.94 10.24
N PHE A 208 -14.13 -25.69 10.41
CA PHE A 208 -14.75 -25.68 11.73
C PHE A 208 -16.21 -26.13 11.58
N ASN A 209 -16.74 -26.76 12.62
CA ASN A 209 -18.12 -27.22 12.59
C ASN A 209 -18.86 -26.41 13.66
N ARG A 210 -20.00 -25.85 13.25
CA ARG A 210 -20.82 -24.99 14.10
C ARG A 210 -21.47 -25.74 15.23
N ASN A 211 -22.22 -26.78 14.84
CA ASN A 211 -22.86 -27.65 15.80
C ASN A 211 -21.87 -28.73 16.27
N GLU A 212 -20.86 -28.18 16.94
CA GLU A 212 -19.78 -28.88 17.63
C GLU A 212 -19.27 -27.83 18.65
N VAL B 2 14.06 17.93 10.34
CA VAL B 2 13.37 18.15 9.08
C VAL B 2 12.08 17.33 9.09
N GLN B 3 11.02 18.10 8.86
CA GLN B 3 9.68 17.61 9.01
C GLN B 3 8.84 18.15 7.88
N LEU B 4 7.98 17.27 7.39
CA LEU B 4 7.04 17.64 6.34
C LEU B 4 5.72 16.98 6.66
N GLN B 5 5.06 17.65 7.60
CA GLN B 5 3.78 17.23 8.08
C GLN B 5 2.66 17.69 7.14
N GLU B 6 2.23 16.68 6.40
CA GLU B 6 1.11 16.81 5.50
C GLU B 6 -0.21 16.71 6.21
N SER B 7 -1.16 17.48 5.70
CA SER B 7 -2.51 17.51 6.25
C SER B 7 -3.24 16.17 6.20
N ASP B 8 -4.32 16.14 6.98
CA ASP B 8 -5.21 15.00 7.14
C ASP B 8 -5.96 14.49 5.92
N ALA B 9 -6.33 13.20 5.99
CA ALA B 9 -7.12 12.53 4.96
C ALA B 9 -8.47 13.20 4.73
N GLU B 10 -8.89 13.22 3.46
CA GLU B 10 -10.03 14.03 3.04
C GLU B 10 -11.10 13.34 2.19
N LEU B 11 -12.38 13.65 2.43
CA LEU B 11 -13.46 13.20 1.56
C LEU B 11 -14.22 14.42 1.08
N VAL B 12 -14.43 14.53 -0.23
CA VAL B 12 -15.08 15.67 -0.84
C VAL B 12 -15.96 15.22 -2.00
N LYS B 13 -17.12 15.86 -2.18
CA LYS B 13 -18.05 15.60 -3.29
C LYS B 13 -17.42 15.88 -4.67
N PRO B 14 -17.83 15.29 -5.80
CA PRO B 14 -17.54 15.75 -7.16
C PRO B 14 -17.87 17.22 -7.48
N GLY B 15 -16.99 17.94 -8.18
CA GLY B 15 -17.23 19.34 -8.52
C GLY B 15 -16.67 20.29 -7.49
N ALA B 16 -16.49 19.88 -6.22
CA ALA B 16 -15.93 20.78 -5.22
C ALA B 16 -14.40 20.86 -5.23
N SER B 17 -13.84 21.61 -4.28
CA SER B 17 -12.42 21.83 -4.17
C SER B 17 -11.86 21.43 -2.81
N VAL B 18 -10.54 21.23 -2.73
CA VAL B 18 -9.86 20.89 -1.49
C VAL B 18 -8.52 21.60 -1.33
N LYS B 19 -8.00 21.82 -0.11
CA LYS B 19 -6.65 22.35 0.10
C LYS B 19 -5.88 21.47 1.08
N ILE B 20 -4.81 20.92 0.50
CA ILE B 20 -3.84 20.07 1.18
C ILE B 20 -2.69 20.94 1.69
N SER B 21 -2.19 20.76 2.92
CA SER B 21 -1.03 21.51 3.38
C SER B 21 0.18 20.63 3.57
N CYS B 22 1.35 21.25 3.58
CA CYS B 22 2.62 20.56 3.74
C CYS B 22 3.50 21.45 4.61
N LYS B 23 3.28 21.27 5.91
CA LYS B 23 3.98 22.00 6.94
C LYS B 23 5.41 21.50 7.14
N ALA B 24 6.32 22.37 6.69
CA ALA B 24 7.74 22.16 6.88
C ALA B 24 8.19 22.69 8.23
N SER B 25 9.21 22.02 8.76
CA SER B 25 9.82 22.44 10.01
C SER B 25 11.14 21.70 10.17
N GLY B 26 12.11 22.34 10.80
CA GLY B 26 13.38 21.69 11.04
C GLY B 26 14.54 22.25 10.24
N TYR B 27 14.25 23.01 9.17
CA TYR B 27 15.25 23.67 8.32
C TYR B 27 14.68 25.02 7.84
N THR B 28 15.46 25.81 7.08
CA THR B 28 15.00 27.10 6.57
C THR B 28 14.20 26.90 5.29
N PHE B 29 12.93 27.29 5.42
CA PHE B 29 11.88 27.09 4.43
C PHE B 29 12.18 27.52 3.01
N THR B 30 12.70 28.75 2.94
CA THR B 30 13.11 29.39 1.70
C THR B 30 14.44 28.88 1.11
N ASP B 31 15.12 27.87 1.67
CA ASP B 31 16.31 27.27 1.06
C ASP B 31 15.94 26.21 0.01
N HIS B 32 14.69 25.73 -0.07
CA HIS B 32 14.31 24.67 -1.01
C HIS B 32 12.91 24.83 -1.59
N VAL B 33 12.66 24.15 -2.72
CA VAL B 33 11.33 24.11 -3.30
C VAL B 33 10.49 22.95 -2.74
N ILE B 34 9.16 22.99 -2.89
CA ILE B 34 8.28 21.91 -2.46
C ILE B 34 7.54 21.39 -3.67
N HIS B 35 7.74 20.11 -3.99
CA HIS B 35 7.03 19.47 -5.10
C HIS B 35 5.80 18.70 -4.64
N TRP B 36 4.77 18.60 -5.47
CA TRP B 36 3.61 17.81 -5.11
C TRP B 36 3.54 16.75 -6.19
N VAL B 37 3.33 15.51 -5.72
CA VAL B 37 3.32 14.31 -6.54
C VAL B 37 1.99 13.60 -6.32
N LYS B 38 1.53 12.89 -7.35
CA LYS B 38 0.27 12.18 -7.29
C LYS B 38 0.63 10.71 -7.24
N GLN B 39 0.10 10.03 -6.22
CA GLN B 39 0.41 8.63 -5.98
C GLN B 39 -0.76 7.71 -6.20
N LYS B 40 -0.43 6.94 -7.24
CA LYS B 40 -1.12 5.74 -7.69
C LYS B 40 -2.66 5.81 -7.62
N PRO B 41 -3.57 4.94 -7.14
CA PRO B 41 -3.39 3.54 -6.77
C PRO B 41 -2.81 2.63 -7.85
N GLU B 42 -2.37 1.47 -7.33
CA GLU B 42 -1.68 0.40 -8.02
C GLU B 42 -0.24 0.77 -8.27
N GLN B 43 0.01 1.75 -9.15
CA GLN B 43 1.36 2.10 -9.55
C GLN B 43 1.45 3.45 -10.22
N GLY B 44 2.59 4.09 -10.00
CA GLY B 44 2.87 5.33 -10.68
C GLY B 44 2.76 6.53 -9.79
N LEU B 45 3.82 7.32 -9.93
CA LEU B 45 3.93 8.60 -9.26
C LEU B 45 3.87 9.62 -10.40
N GLU B 46 3.19 10.75 -10.18
CA GLU B 46 3.05 11.75 -11.22
C GLU B 46 3.35 13.14 -10.66
N TRP B 47 4.32 13.85 -11.25
CA TRP B 47 4.68 15.20 -10.83
C TRP B 47 3.63 16.25 -11.23
N ILE B 48 3.19 17.00 -10.23
CA ILE B 48 2.16 18.00 -10.37
C ILE B 48 2.81 19.36 -10.58
N GLY B 49 3.73 19.72 -9.68
CA GLY B 49 4.41 20.99 -9.78
C GLY B 49 5.12 21.37 -8.49
N TYR B 50 5.88 22.47 -8.58
CA TYR B 50 6.55 22.98 -7.39
C TYR B 50 6.42 24.48 -7.20
N ILE B 51 6.69 24.90 -5.96
CA ILE B 51 6.71 26.29 -5.56
C ILE B 51 8.00 26.69 -4.84
N SER B 52 8.46 27.93 -5.06
CA SER B 52 9.59 28.49 -4.35
C SER B 52 9.07 29.41 -3.25
N PRO B 53 9.25 29.09 -1.97
CA PRO B 53 9.20 30.03 -0.86
C PRO B 53 10.30 31.08 -1.02
N GLY B 54 9.90 32.34 -0.97
CA GLY B 54 10.83 33.45 -1.13
C GLY B 54 10.56 34.11 -2.45
N ASN B 55 11.05 33.36 -3.43
CA ASN B 55 10.96 33.63 -4.85
C ASN B 55 9.55 33.84 -5.37
N GLY B 56 8.72 32.88 -4.95
CA GLY B 56 7.35 32.78 -5.38
C GLY B 56 7.27 31.98 -6.67
N ASP B 57 8.38 31.55 -7.31
CA ASP B 57 8.27 30.85 -8.58
C ASP B 57 7.62 29.47 -8.48
N ILE B 58 6.60 29.39 -9.33
CA ILE B 58 5.80 28.20 -9.51
C ILE B 58 5.96 27.66 -10.92
N LYS B 59 6.19 26.34 -10.94
CA LYS B 59 6.21 25.56 -12.17
C LYS B 59 5.11 24.49 -12.08
N TYR B 60 4.39 24.26 -13.18
CA TYR B 60 3.36 23.23 -13.23
C TYR B 60 3.56 22.28 -14.38
N ASN B 61 2.94 21.12 -14.17
CA ASN B 61 2.79 20.11 -15.20
C ASN B 61 1.63 20.69 -15.99
N GLU B 62 1.72 20.69 -17.32
CA GLU B 62 0.66 21.23 -18.17
C GLU B 62 -0.72 20.64 -17.93
N LYS B 63 -0.74 19.33 -17.60
CA LYS B 63 -1.94 18.57 -17.25
C LYS B 63 -2.65 19.10 -16.01
N PHE B 64 -1.84 19.63 -15.07
CA PHE B 64 -2.36 20.16 -13.81
C PHE B 64 -2.54 21.66 -13.73
N LYS B 65 -2.18 22.43 -14.78
CA LYS B 65 -2.39 23.88 -14.79
C LYS B 65 -3.88 24.15 -14.77
N GLY B 66 -4.35 24.88 -13.74
CA GLY B 66 -5.77 25.20 -13.61
C GLY B 66 -6.49 24.21 -12.71
N LYS B 67 -5.93 22.99 -12.66
CA LYS B 67 -6.38 21.90 -11.81
C LYS B 67 -5.84 22.07 -10.39
N ALA B 68 -4.55 22.40 -10.30
CA ALA B 68 -3.86 22.57 -9.03
C ALA B 68 -3.37 23.98 -8.84
N THR B 69 -3.40 24.56 -7.63
CA THR B 69 -2.88 25.91 -7.41
C THR B 69 -1.93 25.88 -6.24
N LEU B 70 -0.63 26.13 -6.48
CA LEU B 70 0.33 26.07 -5.39
C LEU B 70 0.57 27.41 -4.78
N THR B 71 0.61 27.33 -3.46
CA THR B 71 0.81 28.45 -2.57
C THR B 71 1.85 27.99 -1.54
N ALA B 72 2.37 28.99 -0.84
CA ALA B 72 3.31 28.83 0.24
C ALA B 72 3.09 30.02 1.16
N ASP B 73 3.30 29.78 2.44
CA ASP B 73 3.12 30.82 3.43
C ASP B 73 4.40 30.79 4.24
N LYS B 74 5.28 31.76 3.96
CA LYS B 74 6.57 31.87 4.63
C LYS B 74 6.42 32.02 6.14
N SER B 75 5.44 32.84 6.60
CA SER B 75 5.21 33.08 8.02
C SER B 75 4.91 31.84 8.84
N SER B 76 4.31 30.82 8.20
CA SER B 76 3.99 29.56 8.86
C SER B 76 4.78 28.37 8.32
N SER B 77 5.73 28.57 7.38
CA SER B 77 6.51 27.51 6.75
C SER B 77 5.63 26.38 6.17
N THR B 78 4.60 26.74 5.40
CA THR B 78 3.65 25.76 4.88
C THR B 78 3.26 25.94 3.42
N ALA B 79 3.54 24.91 2.63
CA ALA B 79 3.13 24.89 1.23
C ALA B 79 1.74 24.31 1.11
N TYR B 80 0.93 24.86 0.22
CA TYR B 80 -0.42 24.37 -0.03
C TYR B 80 -0.61 24.06 -1.49
N MET B 81 -1.57 23.16 -1.67
CA MET B 81 -2.03 22.81 -2.98
C MET B 81 -3.53 22.82 -2.89
N GLN B 82 -4.12 23.55 -3.83
CA GLN B 82 -5.55 23.56 -3.96
C GLN B 82 -5.88 22.73 -5.19
N LEU B 83 -6.86 21.82 -5.10
CA LEU B 83 -7.30 21.06 -6.26
C LEU B 83 -8.76 21.39 -6.50
N ASN B 84 -9.06 21.61 -7.79
CA ASN B 84 -10.35 22.16 -8.21
C ASN B 84 -11.18 21.23 -9.09
N SER B 85 -12.52 21.47 -9.20
CA SER B 85 -13.46 20.68 -10.00
C SER B 85 -13.20 19.18 -9.94
N LEU B 86 -13.34 18.68 -8.72
CA LEU B 86 -12.96 17.32 -8.45
C LEU B 86 -13.82 16.21 -9.05
N THR B 87 -13.08 15.32 -9.68
CA THR B 87 -13.64 14.13 -10.26
C THR B 87 -12.93 12.98 -9.54
N SER B 88 -13.43 11.77 -9.80
CA SER B 88 -12.89 10.57 -9.19
C SER B 88 -11.49 10.23 -9.67
N GLU B 89 -11.03 10.78 -10.81
CA GLU B 89 -9.66 10.54 -11.26
C GLU B 89 -8.70 11.26 -10.32
N ASP B 90 -9.17 12.30 -9.62
CA ASP B 90 -8.37 13.01 -8.62
C ASP B 90 -8.34 12.25 -7.30
N SER B 91 -9.09 11.15 -7.17
CA SER B 91 -8.98 10.32 -5.98
C SER B 91 -7.63 9.63 -6.10
N ALA B 92 -6.73 9.95 -5.13
CA ALA B 92 -5.37 9.43 -5.09
C ALA B 92 -4.67 9.86 -3.80
N VAL B 93 -3.42 9.40 -3.56
CA VAL B 93 -2.63 9.90 -2.43
C VAL B 93 -1.70 11.01 -2.94
N TYR B 94 -1.66 12.15 -2.25
CA TYR B 94 -0.83 13.27 -2.63
C TYR B 94 0.31 13.47 -1.70
N LEU B 95 1.51 13.42 -2.27
CA LEU B 95 2.76 13.58 -1.55
C LEU B 95 3.50 14.90 -1.79
N CYS B 96 3.89 15.68 -0.77
CA CYS B 96 4.78 16.81 -1.02
C CYS B 96 6.21 16.36 -0.77
N LYS B 97 7.22 16.93 -1.46
CA LYS B 97 8.62 16.58 -1.30
C LYS B 97 9.47 17.84 -1.20
N ARG B 98 10.60 17.79 -0.50
CA ARG B 98 11.55 18.88 -0.44
C ARG B 98 12.61 18.66 -1.51
N GLY B 99 12.82 19.63 -2.41
CA GLY B 99 13.79 19.57 -3.51
C GLY B 99 15.19 19.15 -3.08
N TYR B 100 15.66 18.08 -3.73
CA TYR B 100 16.93 17.45 -3.42
C TYR B 100 18.12 17.64 -4.36
N TYR B 101 18.99 18.57 -3.95
CA TYR B 101 20.21 18.91 -4.67
C TYR B 101 21.50 18.54 -3.91
N VAL B 106 20.04 12.76 3.29
CA VAL B 106 18.65 12.37 3.34
C VAL B 106 17.74 13.24 2.49
N ASP B 107 16.78 12.57 1.84
CA ASP B 107 15.82 13.21 0.97
C ASP B 107 14.45 13.09 1.64
N TYR B 108 13.82 14.24 1.91
CA TYR B 108 12.59 14.22 2.67
C TYR B 108 11.30 14.44 1.91
N TRP B 109 10.37 13.52 2.18
CA TRP B 109 9.03 13.56 1.62
C TRP B 109 8.01 13.62 2.76
N GLY B 110 6.82 14.09 2.44
CA GLY B 110 5.71 14.11 3.38
C GLY B 110 5.15 12.70 3.53
N GLN B 111 4.17 12.53 4.41
CA GLN B 111 3.67 11.18 4.65
C GLN B 111 2.61 10.72 3.65
N GLY B 112 1.92 11.70 3.05
CA GLY B 112 0.83 11.43 2.13
C GLY B 112 -0.50 11.94 2.67
N THR B 113 -1.40 12.25 1.74
CA THR B 113 -2.74 12.69 2.06
C THR B 113 -3.66 11.97 1.09
N THR B 114 -4.52 11.11 1.64
CA THR B 114 -5.43 10.37 0.77
C THR B 114 -6.65 11.24 0.54
N LEU B 115 -6.82 11.65 -0.72
CA LEU B 115 -8.00 12.41 -1.10
C LEU B 115 -8.94 11.48 -1.82
N THR B 116 -10.20 11.49 -1.36
CA THR B 116 -11.26 10.72 -1.98
C THR B 116 -12.34 11.68 -2.46
N VAL B 117 -12.74 11.47 -3.72
CA VAL B 117 -13.76 12.26 -4.38
C VAL B 117 -14.95 11.34 -4.60
N SER B 118 -16.01 11.59 -3.83
CA SER B 118 -17.19 10.74 -3.86
C SER B 118 -18.39 11.41 -3.20
N SER B 119 -19.54 10.92 -3.66
CA SER B 119 -20.84 11.30 -3.11
C SER B 119 -21.17 10.53 -1.83
N ALA B 120 -20.48 9.39 -1.59
CA ALA B 120 -20.68 8.59 -0.39
C ALA B 120 -20.42 9.31 0.92
N LYS B 121 -20.93 8.75 2.00
CA LYS B 121 -20.75 9.35 3.31
C LYS B 121 -19.67 8.60 4.08
N THR B 122 -19.18 9.12 5.22
CA THR B 122 -18.24 8.34 6.00
C THR B 122 -19.00 7.40 6.93
N THR B 123 -18.44 6.18 6.85
CA THR B 123 -18.83 5.07 7.70
C THR B 123 -17.51 4.69 8.39
N PRO B 124 -17.37 4.80 9.71
CA PRO B 124 -16.31 4.12 10.47
C PRO B 124 -16.33 2.61 10.34
N PRO B 125 -15.22 1.87 10.37
CA PRO B 125 -15.25 0.41 10.28
C PRO B 125 -15.78 -0.28 11.52
N SER B 126 -16.37 -1.43 11.29
CA SER B 126 -16.76 -2.29 12.38
C SER B 126 -15.61 -3.28 12.54
N VAL B 127 -14.92 -3.22 13.69
CA VAL B 127 -13.78 -4.11 13.93
C VAL B 127 -14.18 -5.38 14.68
N TYR B 128 -14.07 -6.54 14.03
CA TYR B 128 -14.46 -7.82 14.63
C TYR B 128 -13.23 -8.61 15.06
N PRO B 129 -13.11 -9.08 16.32
CA PRO B 129 -12.07 -10.01 16.77
C PRO B 129 -12.16 -11.40 16.13
N LEU B 130 -11.03 -11.93 15.64
CA LEU B 130 -10.98 -13.24 15.02
C LEU B 130 -10.12 -14.19 15.85
N ALA B 131 -10.83 -14.99 16.65
CA ALA B 131 -10.25 -15.96 17.57
C ALA B 131 -10.41 -17.39 17.06
N PRO B 132 -9.49 -18.35 17.29
CA PRO B 132 -9.59 -19.73 16.81
C PRO B 132 -10.85 -20.51 17.20
N SER B 140 1.43 -24.98 18.27
CA SER B 140 2.75 -24.45 18.58
C SER B 140 2.79 -22.93 18.67
N MET B 141 2.36 -22.35 17.54
CA MET B 141 2.26 -20.92 17.30
C MET B 141 0.82 -20.68 16.88
N VAL B 142 0.13 -19.73 17.51
CA VAL B 142 -1.25 -19.43 17.17
C VAL B 142 -1.39 -18.14 16.32
N THR B 143 -2.41 -18.11 15.46
CA THR B 143 -2.72 -16.95 14.65
C THR B 143 -4.09 -16.43 15.06
N LEU B 144 -4.10 -15.11 15.28
CA LEU B 144 -5.28 -14.34 15.63
C LEU B 144 -5.56 -13.32 14.54
N GLY B 145 -6.65 -12.56 14.63
CA GLY B 145 -6.93 -11.55 13.62
C GLY B 145 -7.96 -10.51 14.02
N CYS B 146 -8.13 -9.50 13.15
CA CYS B 146 -9.17 -8.49 13.27
C CYS B 146 -9.68 -8.23 11.85
N LEU B 147 -11.01 -8.14 11.72
CA LEU B 147 -11.64 -7.83 10.46
C LEU B 147 -12.20 -6.42 10.57
N VAL B 148 -11.66 -5.55 9.71
CA VAL B 148 -12.03 -4.14 9.66
C VAL B 148 -12.98 -4.01 8.48
N LYS B 149 -14.28 -4.14 8.80
CA LYS B 149 -15.30 -4.25 7.79
C LYS B 149 -16.22 -3.05 7.62
N GLY B 150 -16.46 -2.84 6.33
CA GLY B 150 -17.42 -1.87 5.82
C GLY B 150 -17.19 -0.42 6.20
N TYR B 151 -16.05 0.17 5.82
CA TYR B 151 -15.81 1.59 6.09
C TYR B 151 -15.68 2.45 4.83
N PHE B 152 -15.75 3.78 4.96
CA PHE B 152 -15.50 4.67 3.85
C PHE B 152 -15.13 6.06 4.40
N PRO B 153 -14.10 6.75 3.91
CA PRO B 153 -13.16 6.30 2.89
C PRO B 153 -11.85 5.72 3.42
N GLU B 154 -10.92 5.41 2.50
CA GLU B 154 -9.55 5.07 2.84
C GLU B 154 -8.84 6.28 3.47
N PRO B 155 -7.81 6.18 4.33
CA PRO B 155 -7.23 4.94 4.84
C PRO B 155 -7.73 4.47 6.21
N VAL B 156 -7.17 3.33 6.57
CA VAL B 156 -7.32 2.76 7.89
C VAL B 156 -5.90 2.34 8.28
N THR B 157 -5.52 2.44 9.56
CA THR B 157 -4.24 1.88 10.00
C THR B 157 -4.42 0.95 11.20
N VAL B 158 -3.84 -0.26 11.07
CA VAL B 158 -3.93 -1.32 12.07
C VAL B 158 -2.59 -1.56 12.77
N THR B 159 -2.58 -1.54 14.11
CA THR B 159 -1.44 -2.00 14.89
C THR B 159 -1.92 -3.13 15.80
N TRP B 160 -0.97 -3.85 16.39
CA TRP B 160 -1.22 -4.92 17.34
C TRP B 160 -0.38 -4.61 18.57
N ASN B 161 -1.08 -4.62 19.72
CA ASN B 161 -0.51 -4.31 21.00
C ASN B 161 0.28 -3.01 21.05
N SER B 162 -0.29 -2.01 20.38
CA SER B 162 0.27 -0.65 20.27
C SER B 162 1.67 -0.59 19.62
N GLY B 163 1.88 -1.42 18.60
CA GLY B 163 3.16 -1.47 17.92
C GLY B 163 4.15 -2.44 18.54
N SER B 164 3.79 -3.20 19.59
CA SER B 164 4.72 -4.19 20.13
C SER B 164 4.78 -5.51 19.40
N LEU B 165 3.71 -5.90 18.68
CA LEU B 165 3.77 -7.10 17.86
C LEU B 165 3.84 -6.58 16.44
N SER B 166 4.63 -7.22 15.57
CA SER B 166 4.91 -6.64 14.27
C SER B 166 5.31 -7.62 13.19
N SER B 167 6.32 -8.42 13.51
CA SER B 167 6.89 -9.36 12.57
C SER B 167 6.00 -10.54 12.18
N GLY B 168 5.07 -10.91 13.07
CA GLY B 168 4.10 -11.94 12.77
C GLY B 168 2.80 -11.33 12.23
N VAL B 169 2.82 -10.03 11.91
CA VAL B 169 1.65 -9.32 11.42
C VAL B 169 1.66 -9.26 9.91
N HIS B 170 0.47 -9.42 9.36
CA HIS B 170 0.23 -9.33 7.93
C HIS B 170 -1.09 -8.59 7.83
N THR B 171 -1.06 -7.30 7.43
CA THR B 171 -2.27 -6.51 7.22
C THR B 171 -2.53 -6.47 5.73
N PHE B 172 -3.81 -6.68 5.41
CA PHE B 172 -4.28 -6.83 4.04
C PHE B 172 -4.86 -5.59 3.39
N PRO B 173 -4.40 -5.26 2.17
CA PRO B 173 -4.95 -4.21 1.33
C PRO B 173 -6.47 -4.25 1.23
N ALA B 174 -7.11 -3.13 1.59
CA ALA B 174 -8.55 -3.06 1.51
C ALA B 174 -9.09 -3.30 0.10
N VAL B 175 -10.27 -3.92 0.09
CA VAL B 175 -10.96 -4.22 -1.15
C VAL B 175 -12.35 -3.60 -1.00
N LEU B 176 -12.67 -2.81 -2.03
CA LEU B 176 -13.94 -2.13 -2.13
C LEU B 176 -14.98 -3.05 -2.74
N GLN B 177 -16.02 -3.37 -1.97
CA GLN B 177 -17.15 -4.14 -2.48
C GLN B 177 -18.38 -3.42 -1.98
N SER B 178 -19.27 -3.14 -2.94
CA SER B 178 -20.53 -2.44 -2.73
C SER B 178 -20.47 -1.18 -1.86
N ASP B 179 -19.60 -0.33 -2.43
CA ASP B 179 -19.28 1.02 -1.97
C ASP B 179 -18.64 1.20 -0.60
N LEU B 180 -18.17 0.08 -0.03
CA LEU B 180 -17.51 0.07 1.27
C LEU B 180 -16.23 -0.77 1.20
N TYR B 181 -15.32 -0.43 2.10
CA TYR B 181 -14.03 -1.09 2.17
C TYR B 181 -13.96 -2.07 3.33
N THR B 182 -13.20 -3.15 3.08
CA THR B 182 -12.95 -4.14 4.11
C THR B 182 -11.52 -4.61 3.95
N LEU B 183 -10.81 -4.56 5.08
CA LEU B 183 -9.48 -5.11 5.16
C LEU B 183 -9.39 -5.99 6.41
N SER B 184 -8.44 -6.91 6.44
CA SER B 184 -8.24 -7.69 7.64
C SER B 184 -6.77 -7.63 8.00
N SER B 185 -6.46 -8.01 9.25
CA SER B 185 -5.08 -8.09 9.71
C SER B 185 -4.91 -9.32 10.59
N SER B 186 -3.85 -10.09 10.35
CA SER B 186 -3.53 -11.25 11.19
C SER B 186 -2.21 -11.09 11.93
N VAL B 187 -2.14 -11.54 13.19
CA VAL B 187 -0.88 -11.61 13.92
C VAL B 187 -0.66 -13.06 14.32
N THR B 188 0.59 -13.55 14.26
CA THR B 188 0.90 -14.92 14.65
C THR B 188 1.88 -14.88 15.83
N VAL B 189 1.40 -15.20 17.04
CA VAL B 189 2.22 -15.23 18.25
C VAL B 189 2.48 -16.66 18.71
N PRO B 190 3.43 -17.03 19.59
CA PRO B 190 3.51 -18.37 20.16
C PRO B 190 2.30 -18.69 21.03
N SER B 191 1.87 -19.95 21.03
CA SER B 191 0.70 -20.39 21.80
C SER B 191 0.85 -20.12 23.28
N SER B 192 2.13 -20.13 23.65
CA SER B 192 2.65 -19.81 24.98
C SER B 192 2.26 -18.43 25.51
N THR B 193 1.88 -17.50 24.64
CA THR B 193 1.62 -16.14 25.07
C THR B 193 0.17 -15.70 25.00
N TRP B 194 -0.66 -16.44 24.28
CA TRP B 194 -2.09 -16.13 24.20
C TRP B 194 -2.84 -17.45 24.40
N PRO B 195 -3.90 -17.50 25.24
CA PRO B 195 -4.49 -16.39 25.98
C PRO B 195 -3.91 -15.92 27.30
N SER B 196 -2.76 -16.44 27.78
CA SER B 196 -2.24 -16.00 29.07
C SER B 196 -2.01 -14.49 29.13
N GLU B 197 -1.47 -13.96 28.03
CA GLU B 197 -1.28 -12.54 27.86
C GLU B 197 -2.27 -12.00 26.82
N THR B 198 -2.59 -10.71 26.93
CA THR B 198 -3.53 -10.05 26.05
C THR B 198 -3.00 -9.65 24.66
N VAL B 199 -3.82 -9.88 23.63
CA VAL B 199 -3.52 -9.43 22.27
C VAL B 199 -4.72 -8.59 21.85
N THR B 200 -4.44 -7.35 21.45
CA THR B 200 -5.44 -6.34 21.10
C THR B 200 -5.07 -5.71 19.76
N CYS B 201 -5.98 -5.57 18.78
CA CYS B 201 -5.65 -4.82 17.57
C CYS B 201 -6.20 -3.40 17.71
N ASN B 202 -5.47 -2.42 17.18
CA ASN B 202 -5.83 -1.03 17.30
C ASN B 202 -6.02 -0.59 15.87
N VAL B 203 -7.21 -0.11 15.56
CA VAL B 203 -7.60 0.28 14.21
C VAL B 203 -8.02 1.75 14.25
N ALA B 204 -7.38 2.53 13.38
CA ALA B 204 -7.69 3.95 13.30
C ALA B 204 -8.26 4.23 11.93
N HIS B 205 -9.33 5.02 11.92
CA HIS B 205 -9.93 5.45 10.68
C HIS B 205 -9.96 6.96 10.83
N PRO B 206 -8.95 7.68 10.28
CA PRO B 206 -8.80 9.13 10.41
C PRO B 206 -9.98 9.94 9.93
N ALA B 207 -10.60 9.54 8.80
CA ALA B 207 -11.73 10.26 8.25
C ALA B 207 -12.99 10.23 9.10
N SER B 208 -13.09 9.33 10.09
CA SER B 208 -14.22 9.36 11.02
C SER B 208 -13.74 9.60 12.43
N SER B 209 -12.44 9.88 12.61
CA SER B 209 -11.81 10.17 13.90
C SER B 209 -12.08 9.13 14.99
N THR B 210 -12.03 7.87 14.56
CA THR B 210 -12.20 6.75 15.46
C THR B 210 -10.88 6.02 15.59
N LYS B 211 -10.69 5.58 16.83
CA LYS B 211 -9.56 4.74 17.26
C LYS B 211 -10.25 3.66 18.09
N VAL B 212 -10.23 2.45 17.54
CA VAL B 212 -10.92 1.31 18.14
C VAL B 212 -9.96 0.18 18.47
N ASP B 213 -10.09 -0.31 19.69
CA ASP B 213 -9.27 -1.44 20.14
C ASP B 213 -10.16 -2.66 20.36
N LYS B 214 -9.71 -3.85 19.98
CA LYS B 214 -10.49 -5.05 20.27
C LYS B 214 -9.57 -6.13 20.79
N LYS B 215 -9.85 -6.51 22.03
CA LYS B 215 -9.14 -7.61 22.63
C LYS B 215 -9.71 -8.92 22.10
N ILE B 216 -8.74 -9.75 21.69
CA ILE B 216 -9.02 -11.08 21.18
C ILE B 216 -9.01 -11.97 22.42
N GLU B 217 -10.22 -12.43 22.70
CA GLU B 217 -10.51 -13.32 23.81
C GLU B 217 -10.81 -14.73 23.30
ZN ZN C . -27.86 -22.30 1.91
ZN ZN D . 19.11 22.76 3.45
ZN ZN E . 11.61 29.75 -12.55
C1 HEP F . 15.70 17.10 -8.14
C2 HEP F . 16.16 15.64 -7.99
C3 HEP F . 17.28 15.29 -8.96
C4 HEP F . 17.70 13.84 -8.88
C5 HEP F . 16.60 12.89 -9.37
C6 HEP F . 12.34 14.51 -7.34
C7 HEP F . 11.26 13.68 -7.01
C8 HEP F . 9.97 14.13 -7.18
C9 HEP F . 9.72 15.41 -7.67
C10 HEP F . 10.78 16.24 -7.99
C11 HEP F . 12.10 15.80 -7.84
C12 HEP F . 17.28 18.94 -8.50
C13 HEP F . 19.44 20.36 -8.88
C14 HEP F . 18.38 19.83 -7.90
C15 HEP F . 20.30 19.29 -9.56
O1P HEP F . 14.31 16.56 -5.96
O2P HEP F . 13.97 18.78 -7.18
O3P HEP F . 13.19 16.63 -8.24
O4 HEP F . 16.94 19.07 -9.67
O5 HEP F . 20.01 18.97 -10.72
O6 HEP F . 21.43 19.08 -9.11
N1 HEP F . 16.77 18.00 -7.69
P HEP F . 14.24 17.33 -7.21
#